data_4BV9
#
_entry.id   4BV9
#
_cell.length_a   75.840
_cell.length_b   86.590
_cell.length_c   93.050
_cell.angle_alpha   90.00
_cell.angle_beta   90.00
_cell.angle_gamma   90.00
#
_symmetry.space_group_name_H-M   'P 21 21 21'
#
loop_
_entity.id
_entity.type
_entity.pdbx_description
1 polymer 'THIOMORPHOLINE-CARBOXYLATE DEHYDROGENASE'
2 non-polymer 'NADPH DIHYDRO-NICOTINAMIDE-ADENINE-DINUCLEOTIDE PHOSPHATE'
3 non-polymer 'PYRUVIC ACID'
4 non-polymer '4-(2-HYDROXYETHYL)-1-PIPERAZINE ETHANESULFONIC ACID'
5 non-polymer GLYCEROL
6 water water
#
_entity_poly.entity_id   1
_entity_poly.type   'polypeptide(L)'
_entity_poly.pdbx_seq_one_letter_code
;MSYYHHHHHHLESTSLYKKAGLMKRAPAFLSAEEVQDHLRSSSLLIPPLEAALANFSKGPDGGVMQPVRTVVPVAKHRGF
LGVMPAYSAAEDALTTKLVTFYEGHSNTAVPSHQASVLLFDPSNGSLLAVMDGNVITAKRTAAVSAIATKLLKPPGSDVL
CILGAGVQAYSHYEIFTEQFSFKEVRMWNRTRENAEKFASTVQGDVRVCSSVQEAVTGADVIITVTMATEPILFGEWVKP
GAHINAVGASRPDWRELDDELMRQAVLYVDSREAALKESGDVLLSGADIFAELGEVISGAKPAHCEKTTVFKSLGMAVED
LVAAKLVYDSWSSGK
;
_entity_poly.pdbx_strand_id   A,B
#
# COMPACT_ATOMS: atom_id res chain seq x y z
N ARG A 25 22.07 -9.69 0.07
CA ARG A 25 22.15 -8.83 1.25
C ARG A 25 20.76 -8.49 1.79
N ALA A 26 20.36 -9.20 2.84
CA ALA A 26 19.08 -8.95 3.52
C ALA A 26 19.01 -7.51 4.01
N PRO A 27 17.78 -6.96 4.12
CA PRO A 27 17.64 -5.59 4.58
C PRO A 27 17.99 -5.47 6.06
N ALA A 28 18.44 -4.30 6.48
CA ALA A 28 18.76 -4.07 7.89
C ALA A 28 17.48 -3.81 8.66
N PHE A 29 17.45 -4.21 9.93
CA PHE A 29 16.34 -3.84 10.80
C PHE A 29 16.78 -2.81 11.82
N LEU A 30 15.99 -1.75 11.97
CA LEU A 30 16.32 -0.71 12.94
C LEU A 30 15.28 -0.67 14.07
N SER A 31 15.71 -0.92 15.29
CA SER A 31 14.80 -0.95 16.44
C SER A 31 14.27 0.44 16.76
N ALA A 32 13.29 0.49 17.66
CA ALA A 32 12.73 1.77 18.10
C ALA A 32 13.80 2.64 18.75
N GLU A 33 14.70 2.00 19.49
CA GLU A 33 15.79 2.74 20.16
C GLU A 33 16.93 3.06 19.20
N GLU A 34 17.14 2.20 18.20
CA GLU A 34 18.12 2.46 17.14
C GLU A 34 17.72 3.72 16.39
N VAL A 35 16.42 3.80 16.09
CA VAL A 35 15.86 4.89 15.30
C VAL A 35 15.98 6.24 16.01
N GLN A 36 15.53 6.33 17.26
CA GLN A 36 15.53 7.60 17.97
C GLN A 36 16.93 8.18 18.15
N ASP A 37 17.91 7.30 18.33
CA ASP A 37 19.31 7.71 18.41
C ASP A 37 19.72 8.42 17.13
N HIS A 38 19.45 7.79 15.99
CA HIS A 38 19.77 8.35 14.69
C HIS A 38 18.68 9.28 14.15
N LEU A 39 17.69 9.57 14.99
CA LEU A 39 16.65 10.53 14.63
C LEU A 39 16.95 11.88 15.27
N ARG A 40 17.22 11.85 16.57
CA ARG A 40 17.43 13.06 17.38
C ARG A 40 16.22 14.00 17.39
N SER A 41 16.46 15.26 17.78
CA SER A 41 15.39 16.20 18.12
C SER A 41 14.30 16.41 17.06
N SER A 42 13.05 16.41 17.53
CA SER A 42 11.86 16.58 16.70
C SER A 42 11.86 17.87 15.87
N SER A 43 12.47 18.92 16.41
CA SER A 43 12.54 20.19 15.69
C SER A 43 13.66 20.23 14.66
N LEU A 44 14.55 19.25 14.70
CA LEU A 44 15.58 19.13 13.67
C LEU A 44 14.94 18.59 12.39
N LEU A 45 13.74 18.03 12.55
CA LEU A 45 12.96 17.51 11.43
C LEU A 45 12.27 18.63 10.65
N ILE A 46 12.21 19.81 11.23
CA ILE A 46 11.38 20.89 10.69
C ILE A 46 11.79 21.42 9.30
N PRO A 47 13.06 21.86 9.12
CA PRO A 47 13.38 22.32 7.76
C PRO A 47 13.27 21.27 6.63
N PRO A 48 13.61 19.98 6.89
CA PRO A 48 13.37 19.04 5.79
C PRO A 48 11.89 18.82 5.50
N LEU A 49 11.04 18.83 6.53
CA LEU A 49 9.60 18.65 6.34
C LEU A 49 8.97 19.85 5.62
N GLU A 50 9.46 21.05 5.93
CA GLU A 50 9.04 22.24 5.21
C GLU A 50 9.28 22.08 3.72
N ALA A 51 10.45 21.53 3.37
CA ALA A 51 10.79 21.31 1.98
C ALA A 51 9.89 20.25 1.35
N ALA A 52 9.65 19.17 2.08
CA ALA A 52 8.83 18.07 1.58
C ALA A 52 7.40 18.50 1.27
N LEU A 53 6.82 19.30 2.16
CA LEU A 53 5.44 19.76 2.01
C LEU A 53 5.32 20.73 0.83
N ALA A 54 6.32 21.56 0.65
CA ALA A 54 6.35 22.51 -0.46
C ALA A 54 6.51 21.78 -1.78
N ASN A 55 7.47 20.85 -1.81
CA ASN A 55 7.68 20.01 -2.98
C ASN A 55 6.42 19.24 -3.35
N PHE A 56 5.73 18.71 -2.36
CA PHE A 56 4.47 17.99 -2.60
C PHE A 56 3.44 18.91 -3.25
N SER A 57 3.17 20.05 -2.62
CA SER A 57 2.16 20.98 -3.12
C SER A 57 2.50 21.53 -4.50
N LYS A 58 3.80 21.56 -4.83
CA LYS A 58 4.23 22.02 -6.15
C LYS A 58 3.84 21.03 -7.26
N GLY A 59 3.34 19.87 -6.86
CA GLY A 59 2.82 18.90 -7.82
C GLY A 59 3.85 18.36 -8.78
N PRO A 60 3.66 18.62 -10.08
CA PRO A 60 4.53 18.12 -11.15
C PRO A 60 5.91 18.76 -11.10
N ASP A 61 6.01 19.95 -10.52
CA ASP A 61 7.28 20.66 -10.42
C ASP A 61 7.95 20.43 -9.05
N GLY A 62 7.41 19.49 -8.29
CA GLY A 62 7.89 19.27 -6.94
C GLY A 62 8.63 17.96 -6.73
N GLY A 63 8.58 17.07 -7.71
CA GLY A 63 9.32 15.83 -7.65
C GLY A 63 8.74 14.74 -6.76
N VAL A 64 7.61 15.04 -6.12
CA VAL A 64 6.98 14.07 -5.23
C VAL A 64 5.90 13.27 -5.94
N MET A 65 6.01 11.95 -5.89
CA MET A 65 4.96 11.05 -6.35
C MET A 65 4.33 10.46 -5.11
N GLN A 66 3.07 10.79 -4.85
CA GLN A 66 2.40 10.32 -3.66
C GLN A 66 0.90 10.19 -3.89
N PRO A 67 0.43 8.97 -4.17
CA PRO A 67 -1.02 8.72 -4.27
C PRO A 67 -1.66 8.80 -2.89
N VAL A 68 -2.98 8.97 -2.85
CA VAL A 68 -3.69 8.99 -1.57
C VAL A 68 -3.48 7.67 -0.83
N ARG A 69 -3.40 7.76 0.48
CA ARG A 69 -3.17 6.59 1.34
C ARG A 69 -4.22 5.51 1.11
N THR A 70 -3.76 4.26 1.00
CA THR A 70 -4.66 3.11 0.91
C THR A 70 -4.90 2.54 2.30
N VAL A 71 -6.18 2.43 2.68
CA VAL A 71 -6.53 1.91 3.99
C VAL A 71 -7.44 0.70 3.84
N VAL A 72 -7.02 -0.43 4.43
CA VAL A 72 -7.85 -1.63 4.46
C VAL A 72 -8.37 -1.89 5.88
N PRO A 73 -9.70 -1.85 6.04
CA PRO A 73 -10.33 -2.08 7.35
C PRO A 73 -10.31 -3.55 7.74
N VAL A 74 -9.98 -3.80 9.01
CA VAL A 74 -10.10 -5.12 9.58
C VAL A 74 -11.28 -5.08 10.56
N ALA A 75 -12.49 -5.22 10.01
CA ALA A 75 -13.72 -5.05 10.79
C ALA A 75 -13.79 -6.03 11.97
N LYS A 76 -13.34 -7.26 11.73
CA LYS A 76 -13.37 -8.32 12.74
C LYS A 76 -12.61 -7.94 14.02
N HIS A 77 -11.74 -6.93 13.91
CA HIS A 77 -10.93 -6.52 15.05
C HIS A 77 -11.03 -5.01 15.31
N ARG A 78 -11.95 -4.36 14.59
CA ARG A 78 -12.11 -2.91 14.64
C ARG A 78 -10.79 -2.17 14.46
N GLY A 79 -10.10 -2.51 13.38
CA GLY A 79 -8.81 -1.93 13.07
C GLY A 79 -8.67 -1.64 11.60
N PHE A 80 -7.55 -1.02 11.25
CA PHE A 80 -7.29 -0.60 9.88
C PHE A 80 -5.80 -0.76 9.60
N LEU A 81 -5.46 -1.04 8.34
CA LEU A 81 -4.07 -1.07 7.92
C LEU A 81 -3.84 0.04 6.90
N GLY A 82 -3.00 1.01 7.25
CA GLY A 82 -2.70 2.10 6.34
C GLY A 82 -1.41 1.83 5.58
N VAL A 83 -1.44 1.99 4.27
CA VAL A 83 -0.24 1.83 3.47
C VAL A 83 0.07 3.10 2.69
N MET A 84 1.22 3.71 3.01
CA MET A 84 1.56 5.03 2.53
C MET A 84 2.89 5.02 1.79
N PRO A 85 2.86 4.78 0.47
CA PRO A 85 4.08 4.80 -0.34
C PRO A 85 4.37 6.19 -0.91
N ALA A 86 5.65 6.46 -1.19
CA ALA A 86 6.05 7.74 -1.75
C ALA A 86 7.41 7.67 -2.42
N TYR A 87 7.56 8.38 -3.54
CA TYR A 87 8.89 8.68 -4.06
C TYR A 87 9.12 10.18 -4.03
N SER A 88 10.34 10.57 -3.64
CA SER A 88 10.71 11.98 -3.65
C SER A 88 12.06 12.16 -4.33
N ALA A 89 12.08 12.89 -5.43
CA ALA A 89 13.28 13.07 -6.22
C ALA A 89 14.35 13.87 -5.49
N ALA A 90 13.93 14.96 -4.85
CA ALA A 90 14.86 15.85 -4.14
C ALA A 90 15.67 15.12 -3.09
N GLU A 91 15.02 14.23 -2.34
CA GLU A 91 15.71 13.39 -1.37
C GLU A 91 16.25 12.13 -2.04
N ASP A 92 15.80 11.90 -3.29
CA ASP A 92 16.02 10.64 -4.00
C ASP A 92 15.92 9.43 -3.09
N ALA A 93 14.73 9.22 -2.55
CA ALA A 93 14.48 8.09 -1.67
C ALA A 93 13.10 7.50 -1.98
N LEU A 94 12.95 6.20 -1.73
CA LEU A 94 11.71 5.50 -2.04
C LEU A 94 11.23 4.73 -0.81
N THR A 95 10.05 5.09 -0.31
CA THR A 95 9.57 4.59 0.97
C THR A 95 8.16 4.05 0.95
N THR A 96 7.85 3.26 1.96
CA THR A 96 6.47 2.87 2.24
C THR A 96 6.32 2.71 3.75
N LYS A 97 5.39 3.47 4.33
CA LYS A 97 5.06 3.26 5.73
C LYS A 97 3.78 2.45 5.84
N LEU A 98 3.80 1.45 6.70
CA LEU A 98 2.62 0.65 6.97
C LEU A 98 2.20 0.86 8.41
N VAL A 99 0.99 1.36 8.61
CA VAL A 99 0.50 1.66 9.94
C VAL A 99 -0.84 0.99 10.22
N THR A 100 -0.92 0.31 11.36
CA THR A 100 -2.18 -0.26 11.84
C THR A 100 -2.69 0.55 13.02
N PHE A 101 -3.96 0.95 12.97
CA PHE A 101 -4.60 1.58 14.12
C PHE A 101 -5.95 0.95 14.45
N TYR A 102 -6.17 0.73 15.74
CA TYR A 102 -7.38 0.07 16.21
C TYR A 102 -8.16 0.99 17.15
N GLU A 103 -9.47 0.98 17.02
CA GLU A 103 -10.34 1.75 17.92
C GLU A 103 -10.68 0.92 19.15
N VAL A 110 0.87 -2.52 24.32
CA VAL A 110 0.74 -2.40 22.87
C VAL A 110 -0.03 -1.14 22.48
N PRO A 111 0.69 -0.12 21.99
CA PRO A 111 0.12 1.14 21.54
C PRO A 111 -1.00 0.96 20.51
N SER A 112 -1.93 1.89 20.46
CA SER A 112 -3.03 1.84 19.51
C SER A 112 -2.52 1.89 18.07
N HIS A 113 -1.44 2.67 17.87
CA HIS A 113 -0.86 2.81 16.54
C HIS A 113 0.49 2.09 16.43
N GLN A 114 0.56 1.14 15.51
CA GLN A 114 1.79 0.40 15.24
C GLN A 114 2.23 0.64 13.80
N ALA A 115 3.50 0.99 13.62
CA ALA A 115 4.00 1.40 12.32
C ALA A 115 5.41 0.89 12.01
N SER A 116 5.66 0.64 10.73
CA SER A 116 6.98 0.25 10.26
C SER A 116 7.25 0.94 8.93
N VAL A 117 8.49 1.37 8.72
CA VAL A 117 8.85 2.07 7.49
C VAL A 117 9.81 1.25 6.64
N LEU A 118 9.51 1.13 5.36
CA LEU A 118 10.37 0.40 4.43
C LEU A 118 11.10 1.41 3.55
N LEU A 119 12.41 1.21 3.40
CA LEU A 119 13.24 2.13 2.63
C LEU A 119 13.90 1.37 1.47
N PHE A 120 13.61 1.80 0.24
CA PHE A 120 14.12 1.10 -0.94
C PHE A 120 15.21 1.92 -1.62
N ASP A 121 16.10 1.23 -2.30
CA ASP A 121 17.05 1.88 -3.20
C ASP A 121 16.25 2.32 -4.41
N PRO A 122 16.14 3.64 -4.63
CA PRO A 122 15.30 4.13 -5.73
C PRO A 122 15.85 3.79 -7.11
N SER A 123 17.13 3.45 -7.21
CA SER A 123 17.76 3.21 -8.51
C SER A 123 17.66 1.76 -8.98
N ASN A 124 17.76 0.81 -8.05
CA ASN A 124 17.63 -0.61 -8.41
C ASN A 124 16.41 -1.30 -7.80
N GLY A 125 15.96 -0.82 -6.64
CA GLY A 125 14.71 -1.29 -6.05
C GLY A 125 14.81 -2.30 -4.93
N SER A 126 16.03 -2.66 -4.54
CA SER A 126 16.20 -3.60 -3.43
C SER A 126 15.77 -2.98 -2.10
N LEU A 127 15.20 -3.80 -1.23
CA LEU A 127 14.85 -3.34 0.12
C LEU A 127 16.12 -3.16 0.95
N LEU A 128 16.32 -1.94 1.45
CA LEU A 128 17.52 -1.60 2.20
C LEU A 128 17.31 -1.74 3.71
N ALA A 129 16.19 -1.22 4.20
CA ALA A 129 15.94 -1.20 5.63
C ALA A 129 14.47 -1.36 6.00
N VAL A 130 14.25 -2.03 7.13
CA VAL A 130 12.94 -2.12 7.76
C VAL A 130 13.11 -1.54 9.15
N MET A 131 12.41 -0.45 9.43
CA MET A 131 12.62 0.23 10.72
C MET A 131 11.32 0.48 11.48
N ASP A 132 11.42 0.48 12.81
CA ASP A 132 10.29 0.86 13.65
C ASP A 132 9.81 2.25 13.26
N GLY A 133 8.51 2.39 13.03
CA GLY A 133 7.97 3.63 12.51
C GLY A 133 7.21 4.46 13.51
N ASN A 134 7.06 3.93 14.72
CA ASN A 134 6.30 4.58 15.78
C ASN A 134 6.83 5.97 16.19
N VAL A 135 8.13 6.05 16.47
CA VAL A 135 8.72 7.32 16.89
C VAL A 135 8.83 8.32 15.74
N ILE A 136 8.98 7.80 14.52
CA ILE A 136 8.97 8.64 13.33
C ILE A 136 7.60 9.29 13.19
N THR A 137 6.57 8.44 13.27
CA THR A 137 5.18 8.88 13.20
C THR A 137 4.87 9.97 14.23
N ALA A 138 5.25 9.74 15.48
CA ALA A 138 5.00 10.68 16.56
C ALA A 138 5.72 12.00 16.34
N LYS A 139 7.03 11.93 16.11
CA LYS A 139 7.85 13.13 15.96
C LYS A 139 7.57 13.91 14.68
N ARG A 140 7.26 13.20 13.59
CA ARG A 140 7.00 13.90 12.32
C ARG A 140 5.64 14.59 12.33
N THR A 141 4.65 13.96 12.97
CA THR A 141 3.31 14.54 13.05
C THR A 141 3.34 15.81 13.89
N ALA A 142 4.04 15.75 15.01
CA ALA A 142 4.21 16.91 15.88
C ALA A 142 4.95 18.01 15.14
N ALA A 143 5.92 17.61 14.32
CA ALA A 143 6.74 18.57 13.60
C ALA A 143 5.96 19.34 12.53
N VAL A 144 5.02 18.67 11.89
CA VAL A 144 4.20 19.31 10.86
C VAL A 144 3.17 20.28 11.48
N SER A 145 2.62 19.89 12.62
CA SER A 145 1.68 20.75 13.35
C SER A 145 2.37 22.03 13.79
N ALA A 146 3.62 21.91 14.18
CA ALA A 146 4.41 23.06 14.62
C ALA A 146 4.68 24.01 13.47
N ILE A 147 4.97 23.45 12.30
CA ILE A 147 5.21 24.24 11.09
C ILE A 147 3.99 25.06 10.75
N ALA A 148 2.82 24.42 10.74
CA ALA A 148 1.57 25.11 10.44
C ALA A 148 1.23 26.12 11.53
N THR A 149 1.52 25.75 12.78
CA THR A 149 1.27 26.63 13.92
C THR A 149 2.11 27.90 13.84
N LYS A 150 3.38 27.74 13.44
CA LYS A 150 4.29 28.88 13.37
C LYS A 150 3.80 29.90 12.34
N LEU A 151 3.16 29.41 11.28
CA LEU A 151 2.65 30.27 10.22
C LEU A 151 1.29 30.88 10.56
N LEU A 152 0.49 30.14 11.33
CA LEU A 152 -0.93 30.46 11.48
C LEU A 152 -1.37 30.92 12.87
N LYS A 153 -0.51 30.79 13.86
CA LYS A 153 -0.88 31.24 15.21
C LYS A 153 -1.08 32.75 15.24
N PRO A 154 -2.16 33.20 15.90
CA PRO A 154 -2.51 34.62 15.93
C PRO A 154 -1.47 35.46 16.65
N PRO A 155 -1.47 36.79 16.39
CA PRO A 155 -0.63 37.70 17.18
C PRO A 155 -1.06 37.66 18.63
N GLY A 156 -0.12 37.41 19.53
CA GLY A 156 -0.44 37.28 20.95
C GLY A 156 -0.93 35.89 21.30
N SER A 157 -0.16 34.89 20.90
CA SER A 157 -0.50 33.50 21.22
C SER A 157 0.09 33.09 22.56
N ASP A 158 -0.60 33.42 23.64
CA ASP A 158 -0.13 33.13 24.99
C ASP A 158 -0.60 31.76 25.50
N VAL A 159 -1.75 31.31 25.02
CA VAL A 159 -2.39 30.11 25.58
C VAL A 159 -2.49 28.95 24.59
N LEU A 160 -1.97 27.79 25.01
CA LEU A 160 -2.06 26.56 24.23
C LEU A 160 -3.01 25.58 24.91
N CYS A 161 -3.85 24.92 24.11
CA CYS A 161 -4.76 23.90 24.63
C CYS A 161 -4.57 22.59 23.88
N ILE A 162 -4.45 21.49 24.62
CA ILE A 162 -4.28 20.17 24.01
C ILE A 162 -5.46 19.25 24.32
N LEU A 163 -6.14 18.77 23.27
CA LEU A 163 -7.23 17.82 23.43
C LEU A 163 -6.75 16.39 23.18
N GLY A 164 -6.67 15.59 24.25
CA GLY A 164 -6.14 14.25 24.16
C GLY A 164 -4.92 14.08 25.05
N ALA A 165 -4.50 12.83 25.27
CA ALA A 165 -3.37 12.57 26.16
C ALA A 165 -2.54 11.35 25.74
N GLY A 166 -2.67 10.95 24.48
CA GLY A 166 -1.94 9.80 23.98
C GLY A 166 -0.56 10.16 23.43
N VAL A 167 0.00 9.25 22.65
CA VAL A 167 1.34 9.41 22.06
C VAL A 167 1.55 10.77 21.39
N GLN A 168 0.62 11.15 20.52
CA GLN A 168 0.73 12.42 19.79
C GLN A 168 0.73 13.63 20.71
N ALA A 169 -0.04 13.54 21.79
CA ALA A 169 -0.10 14.63 22.77
C ALA A 169 1.26 14.87 23.41
N TYR A 170 1.97 13.78 23.71
CA TYR A 170 3.32 13.89 24.24
C TYR A 170 4.27 14.48 23.20
N SER A 171 4.18 13.98 21.98
CA SER A 171 5.07 14.44 20.90
C SER A 171 4.83 15.90 20.56
N HIS A 172 3.56 16.31 20.56
CA HIS A 172 3.21 17.69 20.28
C HIS A 172 3.63 18.61 21.43
N TYR A 173 3.43 18.14 22.66
CA TYR A 173 3.78 18.92 23.84
C TYR A 173 5.27 19.25 23.87
N GLU A 174 6.10 18.28 23.50
CA GLU A 174 7.54 18.46 23.55
C GLU A 174 8.02 19.53 22.58
N ILE A 175 7.54 19.48 21.33
CA ILE A 175 7.99 20.42 20.31
C ILE A 175 7.34 21.79 20.43
N PHE A 176 6.09 21.85 20.89
CA PHE A 176 5.38 23.12 21.00
C PHE A 176 5.92 23.98 22.13
N THR A 177 6.33 23.34 23.22
CA THR A 177 6.96 24.06 24.32
C THR A 177 8.40 24.39 23.96
N GLU A 178 8.97 23.64 23.02
CA GLU A 178 10.33 23.87 22.55
C GLU A 178 10.34 25.04 21.56
N GLN A 179 9.50 24.94 20.54
CA GLN A 179 9.45 25.94 19.47
C GLN A 179 8.80 27.26 19.89
N PHE A 180 7.80 27.18 20.75
CA PHE A 180 7.01 28.37 21.08
C PHE A 180 7.15 28.79 22.54
N SER A 181 6.55 29.93 22.87
CA SER A 181 6.60 30.47 24.23
C SER A 181 5.19 30.77 24.74
N PHE A 182 4.51 29.72 25.20
CA PHE A 182 3.18 29.89 25.77
C PHE A 182 3.27 30.19 27.26
N LYS A 183 2.42 31.09 27.74
CA LYS A 183 2.37 31.42 29.16
C LYS A 183 1.58 30.36 29.91
N GLU A 184 0.70 29.67 29.21
CA GLU A 184 -0.16 28.67 29.84
C GLU A 184 -0.52 27.53 28.89
N VAL A 185 -0.47 26.31 29.41
CA VAL A 185 -0.89 25.14 28.64
C VAL A 185 -2.07 24.45 29.35
N ARG A 186 -3.15 24.25 28.60
CA ARG A 186 -4.29 23.50 29.12
C ARG A 186 -4.37 22.11 28.50
N MET A 187 -5.08 21.21 29.16
CA MET A 187 -5.33 19.89 28.61
C MET A 187 -6.68 19.34 29.06
N TRP A 188 -7.40 18.73 28.13
CA TRP A 188 -8.53 17.89 28.47
C TRP A 188 -8.34 16.52 27.84
N ASN A 189 -8.67 15.46 28.58
CA ASN A 189 -8.74 14.12 28.01
C ASN A 189 -10.08 13.50 28.39
N ARG A 190 -10.54 12.55 27.59
CA ARG A 190 -11.80 11.86 27.82
C ARG A 190 -11.85 11.29 29.24
N THR A 191 -10.77 10.64 29.66
CA THR A 191 -10.63 10.18 31.04
C THR A 191 -9.64 11.08 31.76
N ARG A 192 -10.11 11.83 32.75
CA ARG A 192 -9.30 12.84 33.43
C ARG A 192 -8.01 12.28 34.04
N GLU A 193 -8.04 11.03 34.47
CA GLU A 193 -6.89 10.40 35.11
C GLU A 193 -5.64 10.41 34.23
N ASN A 194 -5.83 10.17 32.93
CA ASN A 194 -4.71 10.12 32.00
C ASN A 194 -4.12 11.50 31.68
N ALA A 195 -4.93 12.53 31.83
CA ALA A 195 -4.47 13.91 31.65
C ALA A 195 -3.67 14.36 32.86
N GLU A 196 -4.17 14.03 34.05
CA GLU A 196 -3.45 14.29 35.29
C GLU A 196 -2.13 13.51 35.31
N LYS A 197 -2.15 12.30 34.76
CA LYS A 197 -0.94 11.51 34.61
C LYS A 197 0.03 12.20 33.64
N PHE A 198 -0.52 12.66 32.52
CA PHE A 198 0.23 13.43 31.54
C PHE A 198 0.84 14.66 32.19
N ALA A 199 0.01 15.40 32.92
CA ALA A 199 0.42 16.65 33.54
C ALA A 199 1.59 16.48 34.51
N SER A 200 1.56 15.40 35.28
CA SER A 200 2.61 15.15 36.26
C SER A 200 3.86 14.51 35.65
N THR A 201 3.73 13.94 34.45
CA THR A 201 4.87 13.30 33.78
C THR A 201 5.72 14.31 33.03
N VAL A 202 5.09 15.17 32.24
CA VAL A 202 5.81 16.15 31.46
C VAL A 202 6.42 17.24 32.34
N GLN A 203 7.42 17.93 31.81
CA GLN A 203 8.02 19.04 32.53
C GLN A 203 7.26 20.32 32.25
N GLY A 204 7.09 21.16 33.25
CA GLY A 204 6.34 22.40 33.10
C GLY A 204 4.89 22.20 33.49
N ASP A 205 4.21 23.30 33.83
CA ASP A 205 2.85 23.23 34.35
C ASP A 205 1.80 22.95 33.28
N VAL A 206 0.84 22.08 33.63
CA VAL A 206 -0.28 21.77 32.75
C VAL A 206 -1.60 21.84 33.54
N ARG A 207 -2.49 22.72 33.08
CA ARG A 207 -3.79 22.91 33.74
C ARG A 207 -4.84 21.95 33.16
N VAL A 208 -5.10 20.86 33.88
CA VAL A 208 -6.08 19.88 33.43
C VAL A 208 -7.50 20.39 33.66
N CYS A 209 -8.27 20.47 32.58
CA CYS A 209 -9.65 20.95 32.65
C CYS A 209 -10.62 19.80 32.44
N SER A 210 -11.77 19.86 33.10
CA SER A 210 -12.74 18.77 33.07
C SER A 210 -13.64 18.79 31.83
N SER A 211 -13.61 19.89 31.08
CA SER A 211 -14.36 19.98 29.84
C SER A 211 -13.55 20.63 28.71
N VAL A 212 -13.94 20.36 27.47
CA VAL A 212 -13.29 20.97 26.31
C VAL A 212 -13.59 22.47 26.29
N GLN A 213 -14.81 22.82 26.67
CA GLN A 213 -15.22 24.22 26.72
C GLN A 213 -14.27 25.03 27.61
N GLU A 214 -13.98 24.51 28.80
CA GLU A 214 -13.08 25.19 29.72
C GLU A 214 -11.66 25.25 29.14
N ALA A 215 -11.21 24.12 28.60
CA ALA A 215 -9.82 24.02 28.11
C ALA A 215 -9.48 24.98 26.99
N VAL A 216 -10.42 25.20 26.07
CA VAL A 216 -10.15 26.00 24.88
C VAL A 216 -10.53 27.48 25.04
N THR A 217 -11.24 27.80 26.11
CA THR A 217 -11.71 29.17 26.30
C THR A 217 -10.56 30.14 26.54
N GLY A 218 -10.33 31.01 25.57
CA GLY A 218 -9.23 31.97 25.63
C GLY A 218 -7.96 31.40 25.02
N ALA A 219 -8.05 30.17 24.54
CA ALA A 219 -6.88 29.52 23.94
C ALA A 219 -6.57 30.06 22.56
N ASP A 220 -5.30 30.35 22.31
CA ASP A 220 -4.88 30.91 21.03
C ASP A 220 -4.46 29.82 20.05
N VAL A 221 -3.94 28.72 20.58
CA VAL A 221 -3.62 27.57 19.75
C VAL A 221 -4.24 26.30 20.34
N ILE A 222 -4.95 25.55 19.51
CA ILE A 222 -5.59 24.31 19.95
C ILE A 222 -5.08 23.11 19.15
N ILE A 223 -4.78 22.03 19.87
CA ILE A 223 -4.35 20.79 19.25
C ILE A 223 -5.32 19.67 19.63
N THR A 224 -5.91 19.03 18.62
CA THR A 224 -6.85 17.94 18.86
C THR A 224 -6.23 16.61 18.39
N VAL A 225 -5.84 15.78 19.35
CA VAL A 225 -5.18 14.51 19.05
C VAL A 225 -5.88 13.32 19.72
N THR A 226 -7.18 13.20 19.46
CA THR A 226 -7.98 12.11 20.02
C THR A 226 -8.45 11.20 18.89
N MET A 227 -8.86 9.99 19.22
CA MET A 227 -9.47 9.12 18.23
C MET A 227 -10.98 9.09 18.42
N ALA A 228 -11.54 10.25 18.75
CA ALA A 228 -12.99 10.43 18.78
C ALA A 228 -13.53 10.32 17.37
N THR A 229 -14.84 10.12 17.25
CA THR A 229 -15.46 9.91 15.94
C THR A 229 -16.64 10.86 15.76
N GLU A 230 -17.14 11.38 16.88
CA GLU A 230 -18.16 12.42 16.88
C GLU A 230 -17.53 13.67 17.49
N PRO A 231 -17.87 14.85 16.94
CA PRO A 231 -17.21 16.11 17.30
C PRO A 231 -17.11 16.37 18.81
N ILE A 232 -15.91 16.81 19.24
CA ILE A 232 -15.68 17.20 20.63
C ILE A 232 -15.41 18.70 20.70
N LEU A 233 -15.03 19.27 19.58
CA LEU A 233 -14.69 20.70 19.51
C LEU A 233 -15.73 21.50 18.75
N PHE A 234 -16.31 22.48 19.44
CA PHE A 234 -17.36 23.30 18.85
C PHE A 234 -16.89 24.74 18.69
N GLY A 235 -17.15 25.31 17.51
CA GLY A 235 -16.65 26.63 17.16
C GLY A 235 -17.06 27.77 18.08
N GLU A 236 -18.19 27.59 18.77
CA GLU A 236 -18.75 28.63 19.62
C GLU A 236 -17.86 28.94 20.82
N TRP A 237 -16.99 27.99 21.16
CA TRP A 237 -16.06 28.13 22.28
C TRP A 237 -14.74 28.70 21.83
N VAL A 238 -14.56 28.83 20.52
CA VAL A 238 -13.26 29.19 19.97
C VAL A 238 -13.04 30.71 19.89
N LYS A 239 -11.94 31.14 20.49
CA LYS A 239 -11.49 32.52 20.44
C LYS A 239 -11.31 32.95 18.99
N PRO A 240 -11.88 34.11 18.63
CA PRO A 240 -11.74 34.64 17.27
C PRO A 240 -10.26 34.80 16.92
N GLY A 241 -9.83 34.14 15.86
CA GLY A 241 -8.45 34.19 15.42
C GLY A 241 -7.57 33.08 15.92
N ALA A 242 -8.15 32.17 16.70
CA ALA A 242 -7.40 31.03 17.22
C ALA A 242 -6.96 30.10 16.09
N HIS A 243 -5.89 29.35 16.31
CA HIS A 243 -5.48 28.33 15.34
C HIS A 243 -5.68 26.94 15.88
N ILE A 244 -6.27 26.08 15.06
CA ILE A 244 -6.56 24.70 15.45
C ILE A 244 -5.77 23.72 14.61
N ASN A 245 -5.00 22.86 15.28
CA ASN A 245 -4.37 21.74 14.62
C ASN A 245 -5.20 20.48 14.84
N ALA A 246 -5.96 20.10 13.83
CA ALA A 246 -6.81 18.91 13.91
C ALA A 246 -6.08 17.69 13.34
N VAL A 247 -5.63 16.82 14.22
CA VAL A 247 -4.76 15.71 13.84
C VAL A 247 -5.49 14.37 13.69
N GLY A 248 -6.41 14.10 14.62
CA GLY A 248 -7.13 12.84 14.62
C GLY A 248 -8.24 12.76 13.58
N ALA A 249 -9.20 11.85 13.81
CA ALA A 249 -10.32 11.63 12.90
C ALA A 249 -9.87 11.36 11.46
N SER A 250 -8.91 10.44 11.32
CA SER A 250 -8.37 10.11 10.01
C SER A 250 -9.20 9.02 9.32
N ARG A 251 -10.49 9.28 9.17
CA ARG A 251 -11.42 8.31 8.61
C ARG A 251 -12.67 9.04 8.15
N PRO A 252 -13.13 8.75 6.91
CA PRO A 252 -14.24 9.45 6.24
C PRO A 252 -15.51 9.64 7.07
N ASP A 253 -15.75 8.78 8.05
CA ASP A 253 -16.96 8.91 8.87
C ASP A 253 -16.68 9.44 10.28
N TRP A 254 -15.42 9.80 10.55
CA TRP A 254 -15.03 10.28 11.87
C TRP A 254 -14.89 11.81 11.91
N ARG A 255 -15.15 12.40 13.08
CA ARG A 255 -15.08 13.85 13.23
C ARG A 255 -14.55 14.27 14.61
N GLU A 256 -13.84 15.39 14.63
CA GLU A 256 -13.40 16.00 15.88
C GLU A 256 -14.06 17.36 16.06
N LEU A 257 -14.38 18.01 14.94
CA LEU A 257 -14.90 19.38 14.98
C LEU A 257 -16.33 19.45 14.44
N ASP A 258 -17.11 20.39 14.96
CA ASP A 258 -18.48 20.59 14.47
C ASP A 258 -18.48 21.42 13.20
N ASP A 259 -19.67 21.64 12.65
CA ASP A 259 -19.81 22.35 11.37
C ASP A 259 -19.40 23.82 11.45
N GLU A 260 -19.92 24.54 12.46
CA GLU A 260 -19.63 25.97 12.62
C GLU A 260 -18.15 26.29 12.55
N LEU A 261 -17.34 25.51 13.25
CA LEU A 261 -15.90 25.70 13.24
C LEU A 261 -15.32 25.38 11.88
N MET A 262 -15.64 24.19 11.36
CA MET A 262 -15.16 23.76 10.05
C MET A 262 -15.59 24.70 8.92
N ARG A 263 -16.78 25.28 9.06
CA ARG A 263 -17.34 26.13 8.01
C ARG A 263 -16.90 27.60 8.10
N GLN A 264 -16.69 28.10 9.31
CA GLN A 264 -16.39 29.52 9.48
C GLN A 264 -14.89 29.83 9.45
N ALA A 265 -14.07 28.82 9.71
CA ALA A 265 -12.63 29.01 9.79
C ALA A 265 -11.95 28.86 8.43
N VAL A 266 -10.77 29.47 8.29
CA VAL A 266 -9.95 29.26 7.10
C VAL A 266 -9.34 27.88 7.18
N LEU A 267 -9.65 27.02 6.20
CA LEU A 267 -9.24 25.62 6.25
C LEU A 267 -7.99 25.31 5.44
N TYR A 268 -6.92 24.92 6.13
CA TYR A 268 -5.71 24.45 5.49
C TYR A 268 -5.58 22.94 5.70
N VAL A 269 -5.05 22.24 4.71
CA VAL A 269 -4.81 20.80 4.84
C VAL A 269 -3.39 20.47 4.39
N ASP A 270 -2.93 19.27 4.71
CA ASP A 270 -1.65 18.81 4.17
C ASP A 270 -1.84 18.33 2.73
N SER A 271 -2.91 17.57 2.51
CA SER A 271 -3.24 17.06 1.17
C SER A 271 -4.71 17.26 0.81
N ARG A 272 -4.95 17.94 -0.31
CA ARG A 272 -6.32 18.18 -0.79
C ARG A 272 -6.98 16.88 -1.24
N GLU A 273 -6.26 16.06 -1.99
CA GLU A 273 -6.79 14.78 -2.46
C GLU A 273 -7.10 13.84 -1.30
N ALA A 274 -6.23 13.84 -0.29
CA ALA A 274 -6.43 12.97 0.86
C ALA A 274 -7.60 13.43 1.74
N ALA A 275 -7.70 14.72 1.96
CA ALA A 275 -8.76 15.28 2.79
C ALA A 275 -10.14 15.00 2.21
N LEU A 276 -10.26 15.14 0.90
CA LEU A 276 -11.52 14.94 0.21
C LEU A 276 -11.94 13.46 0.20
N LYS A 277 -11.00 12.58 0.50
CA LYS A 277 -11.26 11.15 0.48
C LYS A 277 -11.35 10.56 1.89
N GLU A 278 -10.63 11.16 2.84
CA GLU A 278 -10.44 10.52 4.14
C GLU A 278 -10.85 11.33 5.37
N SER A 279 -11.07 12.64 5.21
CA SER A 279 -11.38 13.49 6.36
C SER A 279 -12.87 13.73 6.55
N GLY A 280 -13.43 13.12 7.59
CA GLY A 280 -14.83 13.31 7.93
C GLY A 280 -15.12 14.75 8.30
N ASP A 281 -14.14 15.40 8.93
CA ASP A 281 -14.26 16.81 9.28
C ASP A 281 -14.49 17.66 8.03
N VAL A 282 -13.87 17.28 6.93
CA VAL A 282 -14.04 17.99 5.66
C VAL A 282 -15.26 17.49 4.89
N LEU A 283 -15.33 16.16 4.71
CA LEU A 283 -16.40 15.54 3.94
C LEU A 283 -17.79 15.90 4.45
N LEU A 284 -18.02 15.66 5.74
CA LEU A 284 -19.35 15.82 6.34
C LEU A 284 -19.75 17.28 6.56
N SER A 285 -18.78 18.14 6.85
CA SER A 285 -19.06 19.55 7.10
C SER A 285 -19.37 20.31 5.81
N GLY A 286 -18.85 19.81 4.70
CA GLY A 286 -19.03 20.47 3.41
C GLY A 286 -18.23 21.75 3.30
N ALA A 287 -17.04 21.74 3.89
CA ALA A 287 -16.21 22.93 3.97
C ALA A 287 -15.32 23.12 2.74
N ASP A 288 -15.04 24.38 2.42
CA ASP A 288 -14.13 24.70 1.32
C ASP A 288 -12.68 24.67 1.83
N ILE A 289 -11.86 23.85 1.19
CA ILE A 289 -10.43 23.83 1.48
C ILE A 289 -9.79 25.08 0.89
N PHE A 290 -9.22 25.92 1.74
CA PHE A 290 -8.63 27.17 1.28
C PHE A 290 -7.31 26.95 0.55
N ALA A 291 -6.45 26.15 1.15
CA ALA A 291 -5.12 25.93 0.59
C ALA A 291 -4.44 24.72 1.21
N GLU A 292 -3.46 24.17 0.50
CA GLU A 292 -2.58 23.18 1.09
C GLU A 292 -1.44 23.89 1.83
N LEU A 293 -1.02 23.32 2.96
CA LEU A 293 0.00 23.94 3.80
C LEU A 293 1.31 24.17 3.05
N GLY A 294 1.60 23.30 2.08
CA GLY A 294 2.79 23.43 1.26
C GLY A 294 2.79 24.69 0.41
N GLU A 295 1.61 25.04 -0.10
CA GLU A 295 1.46 26.25 -0.91
C GLU A 295 1.84 27.47 -0.10
N VAL A 296 1.46 27.46 1.18
CA VAL A 296 1.74 28.57 2.08
C VAL A 296 3.24 28.69 2.32
N ILE A 297 3.86 27.56 2.64
CA ILE A 297 5.31 27.49 2.85
C ILE A 297 6.08 28.08 1.67
N SER A 298 5.61 27.84 0.45
CA SER A 298 6.27 28.33 -0.74
C SER A 298 5.83 29.75 -1.08
N GLY A 299 4.84 30.26 -0.34
CA GLY A 299 4.36 31.60 -0.57
C GLY A 299 3.35 31.69 -1.70
N ALA A 300 2.93 30.54 -2.19
CA ALA A 300 1.93 30.49 -3.25
C ALA A 300 0.54 30.85 -2.71
N LYS A 301 0.36 30.65 -1.40
CA LYS A 301 -0.89 30.97 -0.74
C LYS A 301 -0.63 31.71 0.58
N PRO A 302 -1.51 32.63 0.97
CA PRO A 302 -1.28 33.43 2.19
C PRO A 302 -1.64 32.68 3.47
N ALA A 303 -0.98 33.05 4.57
CA ALA A 303 -1.36 32.53 5.88
C ALA A 303 -2.17 33.57 6.62
N HIS A 304 -3.48 33.36 6.68
CA HIS A 304 -4.36 34.30 7.35
C HIS A 304 -4.28 34.12 8.87
N CYS A 305 -3.17 34.59 9.45
CA CYS A 305 -2.93 34.42 10.89
C CYS A 305 -3.94 35.18 11.74
N GLU A 306 -4.58 36.20 11.15
CA GLU A 306 -5.50 37.05 11.89
C GLU A 306 -6.93 36.53 11.96
N LYS A 307 -7.28 35.60 11.07
CA LYS A 307 -8.60 34.98 11.11
C LYS A 307 -8.51 33.62 11.80
N THR A 308 -9.64 33.09 12.23
CA THR A 308 -9.68 31.76 12.82
C THR A 308 -9.22 30.75 11.77
N THR A 309 -8.23 29.93 12.12
CA THR A 309 -7.67 28.97 11.19
C THR A 309 -7.73 27.55 11.70
N VAL A 310 -7.97 26.62 10.77
CA VAL A 310 -7.90 25.19 11.08
C VAL A 310 -6.89 24.55 10.13
N PHE A 311 -5.90 23.86 10.69
CA PHE A 311 -5.05 22.99 9.88
C PHE A 311 -5.44 21.53 10.12
N LYS A 312 -6.07 20.94 9.11
CA LYS A 312 -6.50 19.56 9.16
C LYS A 312 -5.40 18.62 8.64
N SER A 313 -4.73 17.93 9.55
CA SER A 313 -3.65 17.03 9.18
C SER A 313 -4.10 15.58 9.12
N LEU A 314 -3.77 14.89 8.03
CA LEU A 314 -4.14 13.49 7.88
C LEU A 314 -2.91 12.59 7.78
N GLY A 315 -1.75 13.21 7.63
CA GLY A 315 -0.51 12.47 7.48
C GLY A 315 -0.25 12.12 6.02
N MET A 316 0.99 12.30 5.59
CA MET A 316 1.35 11.99 4.22
C MET A 316 2.63 11.17 4.18
N ALA A 317 2.70 10.22 3.25
CA ALA A 317 3.85 9.32 3.11
C ALA A 317 5.18 10.05 2.96
N VAL A 318 5.16 11.17 2.25
CA VAL A 318 6.38 11.94 1.99
C VAL A 318 7.00 12.47 3.29
N GLU A 319 6.15 12.67 4.30
CA GLU A 319 6.61 13.13 5.60
C GLU A 319 7.41 12.04 6.30
N ASP A 320 6.94 10.80 6.17
CA ASP A 320 7.64 9.64 6.72
C ASP A 320 8.94 9.40 5.96
N LEU A 321 8.86 9.54 4.64
CA LEU A 321 10.00 9.39 3.74
C LEU A 321 11.20 10.19 4.24
N VAL A 322 10.98 11.49 4.45
CA VAL A 322 12.02 12.40 4.89
C VAL A 322 12.71 11.93 6.17
N ALA A 323 11.90 11.54 7.16
CA ALA A 323 12.39 11.10 8.45
C ALA A 323 13.20 9.80 8.35
N ALA A 324 12.63 8.81 7.68
CA ALA A 324 13.28 7.52 7.53
C ALA A 324 14.57 7.66 6.75
N LYS A 325 14.58 8.58 5.78
CA LYS A 325 15.78 8.85 4.99
C LYS A 325 16.88 9.44 5.88
N LEU A 326 16.48 10.33 6.78
CA LEU A 326 17.41 10.94 7.73
C LEU A 326 18.03 9.90 8.66
N VAL A 327 17.21 8.93 9.09
CA VAL A 327 17.66 7.91 10.01
C VAL A 327 18.65 6.93 9.37
N TYR A 328 18.27 6.38 8.22
CA TYR A 328 19.12 5.42 7.53
C TYR A 328 20.47 6.03 7.16
N ASP A 329 20.43 7.24 6.60
CA ASP A 329 21.63 7.99 6.25
C ASP A 329 22.55 8.20 7.45
N SER A 330 21.94 8.50 8.60
CA SER A 330 22.67 8.63 9.85
C SER A 330 23.18 7.27 10.27
N TRP A 331 22.31 6.27 10.20
CA TRP A 331 22.64 4.90 10.55
C TRP A 331 23.78 4.35 9.70
N SER A 332 23.89 4.83 8.47
CA SER A 332 24.90 4.36 7.54
C SER A 332 26.28 5.00 7.75
N SER A 333 26.30 6.11 8.48
CA SER A 333 27.54 6.84 8.73
C SER A 333 28.13 6.50 10.09
N ARG B 25 9.80 -5.94 20.04
CA ARG B 25 9.25 -7.10 19.36
C ARG B 25 9.69 -7.14 17.89
N ALA B 26 10.98 -7.35 17.69
CA ALA B 26 11.56 -7.38 16.34
C ALA B 26 10.94 -8.46 15.45
N PRO B 27 10.53 -8.06 14.23
CA PRO B 27 9.89 -8.97 13.28
C PRO B 27 10.85 -10.06 12.82
N ALA B 28 10.30 -11.17 12.34
CA ALA B 28 11.12 -12.22 11.76
C ALA B 28 11.43 -11.87 10.31
N PHE B 29 12.55 -12.36 9.81
CA PHE B 29 12.89 -12.22 8.41
C PHE B 29 13.16 -13.59 7.82
N LEU B 30 12.38 -13.98 6.82
CA LEU B 30 12.60 -15.27 6.17
C LEU B 30 13.28 -15.06 4.82
N SER B 31 14.40 -15.73 4.61
CA SER B 31 15.13 -15.62 3.34
C SER B 31 14.33 -16.27 2.22
N ALA B 32 14.75 -16.04 0.99
CA ALA B 32 14.08 -16.65 -0.17
C ALA B 32 14.18 -18.16 -0.10
N GLU B 33 15.35 -18.65 0.34
CA GLU B 33 15.54 -20.08 0.52
C GLU B 33 14.68 -20.62 1.65
N GLU B 34 14.49 -19.80 2.69
CA GLU B 34 13.65 -20.18 3.82
C GLU B 34 12.19 -20.33 3.42
N VAL B 35 11.72 -19.41 2.57
CA VAL B 35 10.37 -19.46 2.02
C VAL B 35 10.24 -20.63 1.06
N GLN B 36 11.31 -20.86 0.30
CA GLN B 36 11.38 -21.92 -0.68
C GLN B 36 11.20 -23.29 -0.04
N ASP B 37 11.73 -23.46 1.17
CA ASP B 37 11.60 -24.73 1.89
C ASP B 37 10.20 -24.93 2.44
N HIS B 38 9.52 -23.85 2.80
CA HIS B 38 8.18 -23.94 3.38
C HIS B 38 7.10 -24.12 2.32
N LEU B 39 7.49 -24.00 1.03
CA LEU B 39 6.54 -24.14 -0.08
C LEU B 39 6.99 -25.21 -1.07
N ARG B 40 7.41 -26.36 -0.56
CA ARG B 40 7.84 -27.47 -1.40
C ARG B 40 6.70 -27.98 -2.27
N SER B 41 5.69 -28.56 -1.61
CA SER B 41 4.61 -29.23 -2.33
C SER B 41 3.49 -28.29 -2.74
N SER B 42 3.20 -28.26 -4.04
CA SER B 42 2.08 -27.48 -4.56
C SER B 42 0.77 -28.10 -4.09
N SER B 43 0.83 -29.38 -3.71
CA SER B 43 -0.33 -30.08 -3.18
C SER B 43 -0.76 -29.54 -1.81
N LEU B 44 -0.12 -28.44 -1.38
CA LEU B 44 -0.53 -27.74 -0.18
C LEU B 44 -0.84 -26.28 -0.50
N LEU B 45 -0.45 -25.83 -1.70
CA LEU B 45 -0.63 -24.44 -2.08
C LEU B 45 -1.94 -24.15 -2.80
N ILE B 46 -2.39 -25.08 -3.66
CA ILE B 46 -3.59 -24.82 -4.47
C ILE B 46 -4.94 -24.83 -3.73
N PRO B 47 -5.17 -25.78 -2.79
CA PRO B 47 -6.48 -25.73 -2.14
C PRO B 47 -6.80 -24.42 -1.37
N PRO B 48 -5.83 -23.85 -0.63
CA PRO B 48 -6.19 -22.56 0.00
C PRO B 48 -6.27 -21.42 -1.01
N LEU B 49 -5.55 -21.52 -2.12
CA LEU B 49 -5.64 -20.52 -3.18
C LEU B 49 -7.03 -20.53 -3.82
N GLU B 50 -7.55 -21.72 -4.08
CA GLU B 50 -8.90 -21.88 -4.62
C GLU B 50 -9.95 -21.28 -3.69
N ALA B 51 -9.84 -21.60 -2.40
CA ALA B 51 -10.77 -21.08 -1.41
C ALA B 51 -10.75 -19.55 -1.38
N ALA B 52 -9.55 -18.99 -1.39
CA ALA B 52 -9.38 -17.54 -1.35
C ALA B 52 -9.99 -16.85 -2.57
N LEU B 53 -9.78 -17.44 -3.74
CA LEU B 53 -10.34 -16.93 -4.99
C LEU B 53 -11.87 -16.98 -4.94
N ALA B 54 -12.40 -18.06 -4.38
CA ALA B 54 -13.84 -18.24 -4.23
C ALA B 54 -14.44 -17.12 -3.40
N ASN B 55 -13.84 -16.87 -2.24
CA ASN B 55 -14.32 -15.84 -1.33
C ASN B 55 -14.14 -14.42 -1.86
N PHE B 56 -13.02 -14.18 -2.55
CA PHE B 56 -12.79 -12.86 -3.14
C PHE B 56 -13.87 -12.49 -4.14
N SER B 57 -14.23 -13.44 -5.01
CA SER B 57 -15.20 -13.17 -6.07
C SER B 57 -16.63 -13.00 -5.57
N LYS B 58 -16.86 -13.26 -4.28
CA LYS B 58 -18.16 -13.06 -3.66
C LYS B 58 -18.37 -11.61 -3.26
N GLY B 59 -17.32 -10.82 -3.36
CA GLY B 59 -17.35 -9.45 -2.88
C GLY B 59 -17.14 -9.42 -1.37
N PRO B 60 -17.52 -8.30 -0.74
CA PRO B 60 -17.29 -8.05 0.69
C PRO B 60 -17.84 -9.13 1.60
N ASP B 61 -18.95 -9.76 1.22
CA ASP B 61 -19.55 -10.81 2.03
C ASP B 61 -18.68 -12.06 2.09
N GLY B 62 -17.72 -12.14 1.15
CA GLY B 62 -16.77 -13.23 1.12
C GLY B 62 -15.64 -13.02 2.12
N GLY B 63 -15.57 -11.82 2.69
CA GLY B 63 -14.62 -11.53 3.74
C GLY B 63 -13.24 -11.07 3.32
N VAL B 64 -13.00 -11.00 2.02
CA VAL B 64 -11.72 -10.47 1.53
C VAL B 64 -11.82 -8.98 1.26
N MET B 65 -10.95 -8.20 1.90
CA MET B 65 -10.84 -6.77 1.64
C MET B 65 -9.54 -6.51 0.89
N GLN B 66 -9.67 -6.22 -0.41
CA GLN B 66 -8.50 -6.07 -1.28
C GLN B 66 -8.68 -4.90 -2.23
N PRO B 67 -8.09 -3.74 -1.87
CA PRO B 67 -8.14 -2.57 -2.75
C PRO B 67 -7.41 -2.88 -4.04
N VAL B 68 -7.81 -2.27 -5.15
CA VAL B 68 -7.02 -2.39 -6.38
C VAL B 68 -5.62 -1.92 -6.07
N ARG B 69 -4.63 -2.61 -6.62
CA ARG B 69 -3.23 -2.33 -6.31
C ARG B 69 -2.82 -0.90 -6.66
N THR B 70 -2.03 -0.30 -5.77
CA THR B 70 -1.48 1.03 -6.03
C THR B 70 -0.11 0.87 -6.68
N VAL B 71 0.15 1.65 -7.73
CA VAL B 71 1.45 1.65 -8.37
C VAL B 71 2.08 3.04 -8.31
N VAL B 72 3.32 3.10 -7.81
CA VAL B 72 4.07 4.35 -7.81
C VAL B 72 5.05 4.36 -8.97
N PRO B 73 4.83 5.24 -9.94
CA PRO B 73 5.76 5.38 -11.05
C PRO B 73 7.02 6.09 -10.57
N VAL B 74 8.18 5.54 -10.89
CA VAL B 74 9.44 6.22 -10.62
C VAL B 74 10.18 6.37 -11.95
N ALA B 75 9.62 7.19 -12.83
CA ALA B 75 10.17 7.42 -14.17
C ALA B 75 11.61 7.91 -14.12
N LYS B 76 11.93 8.58 -13.01
CA LYS B 76 13.25 9.13 -12.75
C LYS B 76 14.33 8.04 -12.82
N HIS B 77 13.95 6.81 -12.50
CA HIS B 77 14.87 5.69 -12.55
C HIS B 77 14.34 4.59 -13.46
N ARG B 78 13.32 4.92 -14.26
CA ARG B 78 12.60 3.96 -15.10
C ARG B 78 12.17 2.74 -14.29
N GLY B 79 11.32 2.95 -13.30
CA GLY B 79 10.93 1.89 -12.39
C GLY B 79 9.57 2.10 -11.75
N PHE B 80 9.08 1.06 -11.08
CA PHE B 80 7.78 1.11 -10.43
C PHE B 80 7.83 0.49 -9.04
N LEU B 81 6.94 0.93 -8.16
CA LEU B 81 6.74 0.29 -6.88
C LEU B 81 5.27 -0.11 -6.77
N GLY B 82 5.02 -1.41 -6.72
CA GLY B 82 3.67 -1.92 -6.56
C GLY B 82 3.34 -2.17 -5.10
N VAL B 83 2.15 -1.76 -4.69
CA VAL B 83 1.72 -1.95 -3.30
C VAL B 83 0.40 -2.73 -3.24
N MET B 84 0.42 -3.89 -2.60
CA MET B 84 -0.73 -4.79 -2.63
C MET B 84 -1.12 -5.30 -1.24
N PRO B 85 -1.94 -4.51 -0.52
CA PRO B 85 -2.40 -4.92 0.81
C PRO B 85 -3.65 -5.78 0.74
N ALA B 86 -3.84 -6.65 1.73
CA ALA B 86 -5.02 -7.49 1.80
C ALA B 86 -5.36 -7.95 3.21
N TYR B 87 -6.65 -8.05 3.50
CA TYR B 87 -7.11 -8.77 4.69
C TYR B 87 -8.12 -9.82 4.29
N SER B 88 -8.07 -10.97 4.98
CA SER B 88 -9.03 -12.03 4.76
C SER B 88 -9.63 -12.45 6.10
N ALA B 89 -10.95 -12.39 6.20
CA ALA B 89 -11.63 -12.76 7.43
C ALA B 89 -11.61 -14.28 7.65
N ALA B 90 -11.76 -15.02 6.56
CA ALA B 90 -11.85 -16.47 6.61
C ALA B 90 -10.64 -17.13 7.28
N GLU B 91 -9.44 -16.65 6.98
CA GLU B 91 -8.24 -17.19 7.59
C GLU B 91 -7.59 -16.19 8.56
N ASP B 92 -8.29 -15.10 8.81
CA ASP B 92 -7.84 -14.06 9.75
C ASP B 92 -6.38 -13.68 9.50
N ALA B 93 -6.09 -13.25 8.27
CA ALA B 93 -4.72 -12.89 7.90
C ALA B 93 -4.65 -11.48 7.32
N LEU B 94 -3.60 -10.76 7.66
CA LEU B 94 -3.42 -9.37 7.23
C LEU B 94 -2.03 -9.21 6.62
N THR B 95 -1.97 -8.89 5.33
CA THR B 95 -0.71 -8.89 4.60
C THR B 95 -0.56 -7.68 3.68
N THR B 96 0.68 -7.40 3.32
CA THR B 96 0.97 -6.40 2.29
C THR B 96 2.17 -6.83 1.47
N LYS B 97 1.96 -6.91 0.15
CA LYS B 97 3.06 -7.18 -0.76
C LYS B 97 3.55 -5.90 -1.40
N LEU B 98 4.85 -5.69 -1.34
CA LEU B 98 5.48 -4.55 -1.97
C LEU B 98 6.37 -5.06 -3.09
N VAL B 99 6.00 -4.79 -4.33
CA VAL B 99 6.79 -5.23 -5.47
C VAL B 99 7.44 -4.04 -6.15
N THR B 100 8.70 -4.18 -6.50
CA THR B 100 9.36 -3.19 -7.32
C THR B 100 9.82 -3.84 -8.63
N PHE B 101 9.53 -3.17 -9.74
CA PHE B 101 9.98 -3.63 -11.05
C PHE B 101 10.75 -2.53 -11.75
N TYR B 102 11.95 -2.85 -12.22
CA TYR B 102 12.79 -1.88 -12.89
C TYR B 102 13.23 -2.33 -14.28
N GLU B 103 13.77 -1.38 -15.04
CA GLU B 103 14.36 -1.65 -16.34
C GLU B 103 15.74 -1.02 -16.42
N PRO B 111 17.66 -8.63 -11.15
CA PRO B 111 16.32 -9.21 -11.01
C PRO B 111 15.23 -8.17 -11.28
N SER B 112 14.52 -8.32 -12.40
CA SER B 112 13.50 -7.37 -12.82
C SER B 112 12.45 -7.09 -11.74
N HIS B 113 12.01 -8.14 -11.04
CA HIS B 113 11.01 -7.98 -10.01
C HIS B 113 11.54 -8.36 -8.63
N GLN B 114 11.47 -7.41 -7.70
CA GLN B 114 11.90 -7.63 -6.33
C GLN B 114 10.73 -7.43 -5.38
N ALA B 115 10.40 -8.47 -4.62
CA ALA B 115 9.23 -8.42 -3.77
C ALA B 115 9.53 -8.70 -2.30
N SER B 116 8.74 -8.09 -1.43
CA SER B 116 8.77 -8.38 0.00
C SER B 116 7.33 -8.51 0.47
N VAL B 117 7.06 -9.55 1.25
CA VAL B 117 5.73 -9.78 1.79
C VAL B 117 5.74 -9.57 3.30
N LEU B 118 4.86 -8.68 3.78
CA LEU B 118 4.77 -8.40 5.21
C LEU B 118 3.54 -9.09 5.79
N LEU B 119 3.72 -9.78 6.91
CA LEU B 119 2.60 -10.44 7.58
C LEU B 119 2.38 -9.86 8.97
N PHE B 120 1.17 -9.36 9.19
CA PHE B 120 0.83 -8.71 10.45
C PHE B 120 -0.05 -9.58 11.32
N ASP B 121 -0.08 -9.27 12.61
CA ASP B 121 -1.06 -9.84 13.52
C ASP B 121 -2.33 -9.00 13.40
N PRO B 122 -3.42 -9.62 12.93
CA PRO B 122 -4.71 -8.94 12.71
C PRO B 122 -5.30 -8.32 13.97
N SER B 123 -5.16 -9.00 15.11
CA SER B 123 -5.79 -8.55 16.35
C SER B 123 -5.14 -7.29 16.95
N ASN B 124 -3.82 -7.17 16.84
CA ASN B 124 -3.13 -6.04 17.44
C ASN B 124 -2.27 -5.20 16.48
N GLY B 125 -2.06 -5.70 15.26
CA GLY B 125 -1.41 -4.92 14.22
C GLY B 125 0.10 -5.06 14.13
N SER B 126 0.71 -5.73 15.11
CA SER B 126 2.17 -5.89 15.12
C SER B 126 2.68 -6.67 13.91
N LEU B 127 3.82 -6.23 13.38
CA LEU B 127 4.44 -6.89 12.24
C LEU B 127 5.15 -8.17 12.66
N LEU B 128 4.57 -9.32 12.34
CA LEU B 128 5.15 -10.60 12.72
C LEU B 128 6.36 -10.96 11.88
N ALA B 129 6.28 -10.74 10.57
CA ALA B 129 7.34 -11.19 9.67
C ALA B 129 7.48 -10.38 8.39
N VAL B 130 8.72 -10.31 7.91
CA VAL B 130 9.06 -9.74 6.63
C VAL B 130 9.77 -10.84 5.85
N MET B 131 9.20 -11.24 4.72
CA MET B 131 9.77 -12.36 3.97
C MET B 131 10.06 -11.94 2.52
N ASP B 132 11.05 -12.58 1.90
CA ASP B 132 11.29 -12.37 0.48
C ASP B 132 10.04 -12.82 -0.27
N GLY B 133 9.61 -12.03 -1.24
CA GLY B 133 8.35 -12.28 -1.93
C GLY B 133 8.49 -12.67 -3.40
N ASN B 134 9.72 -12.89 -3.84
CA ASN B 134 9.97 -13.29 -5.22
C ASN B 134 9.59 -14.75 -5.45
N VAL B 135 9.96 -15.61 -4.51
CA VAL B 135 9.57 -17.02 -4.56
C VAL B 135 8.06 -17.17 -4.40
N ILE B 136 7.48 -16.44 -3.45
CA ILE B 136 6.04 -16.42 -3.25
C ILE B 136 5.33 -15.98 -4.53
N THR B 137 5.81 -14.89 -5.12
CA THR B 137 5.24 -14.36 -6.37
C THR B 137 5.29 -15.40 -7.49
N ALA B 138 6.43 -16.04 -7.66
CA ALA B 138 6.58 -17.05 -8.69
C ALA B 138 5.64 -18.23 -8.44
N LYS B 139 5.58 -18.68 -7.19
CA LYS B 139 4.79 -19.86 -6.83
C LYS B 139 3.29 -19.66 -7.00
N ARG B 140 2.75 -18.60 -6.39
CA ARG B 140 1.30 -18.39 -6.44
C ARG B 140 0.81 -18.05 -7.85
N THR B 141 1.64 -17.33 -8.60
CA THR B 141 1.29 -16.96 -9.97
C THR B 141 1.18 -18.21 -10.84
N ALA B 142 2.17 -19.09 -10.71
CA ALA B 142 2.16 -20.35 -11.45
C ALA B 142 0.99 -21.21 -11.00
N ALA B 143 0.75 -21.24 -9.69
CA ALA B 143 -0.32 -22.06 -9.13
C ALA B 143 -1.72 -21.61 -9.54
N VAL B 144 -1.97 -20.29 -9.48
CA VAL B 144 -3.25 -19.75 -9.90
C VAL B 144 -3.52 -20.05 -11.37
N SER B 145 -2.47 -19.98 -12.19
CA SER B 145 -2.57 -20.31 -13.60
C SER B 145 -2.94 -21.77 -13.81
N ALA B 146 -2.37 -22.64 -12.98
CA ALA B 146 -2.65 -24.07 -13.07
C ALA B 146 -4.07 -24.38 -12.62
N ILE B 147 -4.60 -23.56 -11.73
CA ILE B 147 -5.99 -23.69 -11.26
C ILE B 147 -6.94 -23.36 -12.41
N ALA B 148 -6.64 -22.28 -13.12
CA ALA B 148 -7.43 -21.89 -14.28
C ALA B 148 -7.29 -22.90 -15.41
N THR B 149 -6.08 -23.42 -15.58
CA THR B 149 -5.79 -24.38 -16.65
C THR B 149 -6.47 -25.74 -16.40
N LYS B 150 -6.45 -26.19 -15.15
CA LYS B 150 -7.10 -27.45 -14.80
C LYS B 150 -8.59 -27.39 -15.10
N LEU B 151 -9.17 -26.21 -14.97
CA LEU B 151 -10.59 -25.99 -15.21
C LEU B 151 -10.91 -25.75 -16.68
N LEU B 152 -10.04 -25.01 -17.37
CA LEU B 152 -10.37 -24.49 -18.70
C LEU B 152 -9.64 -25.14 -19.88
N LYS B 153 -8.65 -25.99 -19.61
CA LYS B 153 -7.92 -26.63 -20.70
C LYS B 153 -8.85 -27.50 -21.53
N PRO B 154 -8.70 -27.46 -22.86
CA PRO B 154 -9.56 -28.23 -23.76
C PRO B 154 -9.35 -29.72 -23.61
N PRO B 155 -10.32 -30.52 -24.07
CA PRO B 155 -10.12 -31.97 -24.10
C PRO B 155 -8.94 -32.35 -24.99
N GLY B 156 -8.04 -33.18 -24.49
CA GLY B 156 -6.91 -33.65 -25.27
C GLY B 156 -5.74 -32.69 -25.34
N SER B 157 -5.53 -31.93 -24.27
CA SER B 157 -4.43 -30.98 -24.20
C SER B 157 -3.07 -31.68 -24.19
N ASP B 158 -2.48 -31.81 -25.37
CA ASP B 158 -1.21 -32.52 -25.51
C ASP B 158 -0.01 -31.59 -25.66
N VAL B 159 -0.23 -30.41 -26.22
CA VAL B 159 0.86 -29.47 -26.49
C VAL B 159 0.77 -28.21 -25.63
N LEU B 160 1.81 -27.99 -24.84
CA LEU B 160 1.93 -26.80 -24.00
C LEU B 160 2.92 -25.83 -24.62
N CYS B 161 2.57 -24.55 -24.64
CA CYS B 161 3.44 -23.53 -25.24
C CYS B 161 3.71 -22.38 -24.27
N ILE B 162 4.98 -22.12 -24.02
CA ILE B 162 5.37 -21.03 -23.12
C ILE B 162 6.05 -19.91 -23.89
N LEU B 163 5.48 -18.72 -23.82
CA LEU B 163 6.09 -17.55 -24.43
C LEU B 163 6.80 -16.74 -23.36
N GLY B 164 8.13 -16.79 -23.36
CA GLY B 164 8.95 -16.17 -22.33
C GLY B 164 9.85 -17.20 -21.66
N ALA B 165 10.90 -16.73 -20.98
CA ALA B 165 11.84 -17.64 -20.36
C ALA B 165 12.38 -17.11 -19.03
N GLY B 166 11.59 -16.25 -18.37
CA GLY B 166 12.02 -15.65 -17.13
C GLY B 166 11.66 -16.46 -15.89
N VAL B 167 11.59 -15.79 -14.76
CA VAL B 167 11.23 -16.42 -13.49
C VAL B 167 9.90 -17.15 -13.57
N GLN B 168 8.92 -16.52 -14.21
CA GLN B 168 7.57 -17.07 -14.30
C GLN B 168 7.46 -18.26 -15.23
N ALA B 169 8.36 -18.34 -16.21
CA ALA B 169 8.37 -19.47 -17.13
C ALA B 169 8.85 -20.72 -16.42
N TYR B 170 9.85 -20.55 -15.56
CA TYR B 170 10.35 -21.66 -14.74
C TYR B 170 9.28 -22.18 -13.79
N SER B 171 8.74 -21.30 -12.95
CA SER B 171 7.77 -21.69 -11.94
C SER B 171 6.51 -22.29 -12.55
N HIS B 172 6.13 -21.78 -13.73
CA HIS B 172 5.00 -22.33 -14.45
C HIS B 172 5.31 -23.72 -14.97
N TYR B 173 6.50 -23.89 -15.54
CA TYR B 173 6.90 -25.19 -16.08
C TYR B 173 6.93 -26.27 -15.01
N GLU B 174 7.43 -25.95 -13.83
CA GLU B 174 7.57 -26.95 -12.78
C GLU B 174 6.22 -27.49 -12.33
N ILE B 175 5.24 -26.59 -12.15
CA ILE B 175 3.93 -27.00 -11.67
C ILE B 175 3.08 -27.63 -12.77
N PHE B 176 3.18 -27.11 -13.99
CA PHE B 176 2.38 -27.63 -15.10
C PHE B 176 2.78 -29.04 -15.52
N THR B 177 4.05 -29.37 -15.38
CA THR B 177 4.53 -30.71 -15.71
C THR B 177 4.24 -31.70 -14.58
N GLU B 178 4.12 -31.17 -13.36
CA GLU B 178 3.80 -31.98 -12.20
C GLU B 178 2.30 -32.27 -12.15
N GLN B 179 1.51 -31.27 -12.52
CA GLN B 179 0.05 -31.33 -12.41
C GLN B 179 -0.60 -31.89 -13.68
N PHE B 180 -0.04 -31.56 -14.83
CA PHE B 180 -0.60 -32.02 -16.09
C PHE B 180 0.36 -32.99 -16.80
N SER B 181 -0.08 -33.55 -17.93
CA SER B 181 0.70 -34.57 -18.63
C SER B 181 0.78 -34.29 -20.13
N PHE B 182 1.54 -33.26 -20.49
CA PHE B 182 1.73 -32.91 -21.89
C PHE B 182 2.73 -33.85 -22.56
N LYS B 183 2.53 -34.08 -23.85
CA LYS B 183 3.45 -34.90 -24.63
C LYS B 183 4.52 -34.02 -25.26
N GLU B 184 4.15 -32.78 -25.53
CA GLU B 184 5.10 -31.84 -26.13
C GLU B 184 5.07 -30.48 -25.43
N VAL B 185 6.24 -30.00 -25.05
CA VAL B 185 6.38 -28.68 -24.45
C VAL B 185 7.26 -27.79 -25.34
N ARG B 186 6.71 -26.66 -25.77
CA ARG B 186 7.44 -25.76 -26.64
C ARG B 186 7.70 -24.43 -25.95
N MET B 187 8.70 -23.71 -26.43
CA MET B 187 8.99 -22.37 -25.91
C MET B 187 9.50 -21.43 -26.99
N TRP B 188 9.03 -20.18 -26.92
CA TRP B 188 9.63 -19.10 -27.68
C TRP B 188 10.07 -18.04 -26.67
N ASN B 189 11.25 -17.49 -26.87
CA ASN B 189 11.68 -16.31 -26.12
C ASN B 189 12.31 -15.29 -27.06
N ARG B 190 12.15 -14.01 -26.72
CA ARG B 190 12.67 -12.91 -27.52
C ARG B 190 14.17 -13.08 -27.78
N THR B 191 14.88 -13.58 -26.77
CA THR B 191 16.29 -13.91 -26.90
C THR B 191 16.46 -15.42 -26.81
N ARG B 192 16.68 -16.05 -27.97
CA ARG B 192 16.74 -17.50 -28.08
C ARG B 192 17.76 -18.13 -27.13
N GLU B 193 18.84 -17.41 -26.86
CA GLU B 193 19.86 -17.85 -25.93
C GLU B 193 19.24 -18.25 -24.58
N ASN B 194 18.34 -17.41 -24.09
CA ASN B 194 17.68 -17.67 -22.82
C ASN B 194 16.71 -18.84 -22.89
N ALA B 195 16.11 -19.05 -24.06
CA ALA B 195 15.20 -20.17 -24.26
C ALA B 195 15.94 -21.49 -24.22
N GLU B 196 17.14 -21.52 -24.81
CA GLU B 196 17.98 -22.71 -24.81
C GLU B 196 18.57 -23.01 -23.43
N LYS B 197 18.88 -21.96 -22.68
CA LYS B 197 19.36 -22.12 -21.31
C LYS B 197 18.25 -22.73 -20.46
N PHE B 198 17.02 -22.29 -20.73
CA PHE B 198 15.84 -22.86 -20.07
C PHE B 198 15.70 -24.32 -20.44
N ALA B 199 15.74 -24.61 -21.73
CA ALA B 199 15.52 -25.94 -22.26
C ALA B 199 16.43 -27.02 -21.65
N SER B 200 17.70 -26.68 -21.44
CA SER B 200 18.64 -27.63 -20.85
C SER B 200 18.79 -27.51 -19.34
N THR B 201 18.03 -26.59 -18.73
CA THR B 201 18.02 -26.47 -17.28
C THR B 201 16.88 -27.31 -16.70
N VAL B 202 15.68 -27.16 -17.27
CA VAL B 202 14.55 -27.97 -16.84
C VAL B 202 14.78 -29.45 -17.18
N GLN B 203 14.04 -30.33 -16.51
CA GLN B 203 14.25 -31.77 -16.63
C GLN B 203 13.93 -32.35 -18.01
N GLY B 204 12.66 -32.23 -18.41
CA GLY B 204 12.20 -32.83 -19.65
C GLY B 204 12.58 -32.07 -20.90
N ASP B 205 12.11 -32.56 -22.04
CA ASP B 205 12.48 -31.98 -23.33
C ASP B 205 11.60 -30.79 -23.72
N VAL B 206 12.24 -29.63 -23.90
CA VAL B 206 11.56 -28.43 -24.36
C VAL B 206 12.02 -28.08 -25.77
N ARG B 207 11.07 -27.94 -26.68
CA ARG B 207 11.39 -27.56 -28.05
C ARG B 207 11.42 -26.05 -28.22
N VAL B 208 12.59 -25.52 -28.56
CA VAL B 208 12.76 -24.09 -28.74
C VAL B 208 12.32 -23.68 -30.16
N CYS B 209 11.50 -22.64 -30.24
CA CYS B 209 10.99 -22.17 -31.52
C CYS B 209 11.52 -20.77 -31.85
N SER B 210 11.54 -20.43 -33.13
CA SER B 210 12.13 -19.17 -33.58
C SER B 210 11.09 -18.08 -33.85
N SER B 211 9.81 -18.39 -33.61
CA SER B 211 8.75 -17.41 -33.76
C SER B 211 7.56 -17.78 -32.87
N VAL B 212 6.78 -16.77 -32.49
CA VAL B 212 5.59 -16.98 -31.69
C VAL B 212 4.58 -17.86 -32.43
N GLN B 213 4.47 -17.64 -33.73
CA GLN B 213 3.54 -18.41 -34.56
C GLN B 213 3.91 -19.89 -34.61
N GLU B 214 5.20 -20.17 -34.71
CA GLU B 214 5.67 -21.55 -34.75
C GLU B 214 5.39 -22.25 -33.42
N ALA B 215 5.50 -21.50 -32.33
CA ALA B 215 5.35 -22.08 -31.00
C ALA B 215 3.88 -22.34 -30.64
N VAL B 216 3.00 -21.39 -30.97
CA VAL B 216 1.60 -21.47 -30.57
C VAL B 216 0.74 -22.27 -31.55
N THR B 217 1.26 -22.52 -32.74
CA THR B 217 0.50 -23.24 -33.76
C THR B 217 0.30 -24.70 -33.37
N GLY B 218 -0.96 -25.07 -33.10
CA GLY B 218 -1.29 -26.42 -32.69
C GLY B 218 -1.25 -26.60 -31.19
N ALA B 219 -0.90 -25.53 -30.49
CA ALA B 219 -0.80 -25.56 -29.03
C ALA B 219 -2.18 -25.57 -28.36
N ASP B 220 -2.31 -26.37 -27.30
CA ASP B 220 -3.58 -26.49 -26.59
C ASP B 220 -3.62 -25.54 -25.40
N VAL B 221 -2.53 -25.47 -24.67
CA VAL B 221 -2.40 -24.52 -23.56
C VAL B 221 -1.26 -23.55 -23.88
N ILE B 222 -1.52 -22.26 -23.71
CA ILE B 222 -0.51 -21.23 -23.98
C ILE B 222 -0.29 -20.34 -22.76
N ILE B 223 0.98 -20.19 -22.38
CA ILE B 223 1.36 -19.34 -21.26
C ILE B 223 2.20 -18.18 -21.77
N THR B 224 1.76 -16.96 -21.51
CA THR B 224 2.50 -15.78 -21.93
C THR B 224 3.03 -15.02 -20.71
N VAL B 225 4.34 -15.13 -20.49
CA VAL B 225 4.99 -14.43 -19.40
C VAL B 225 6.15 -13.58 -19.94
N THR B 226 5.82 -12.67 -20.86
CA THR B 226 6.80 -11.77 -21.46
C THR B 226 6.58 -10.35 -20.97
N MET B 227 7.56 -9.47 -21.23
CA MET B 227 7.43 -8.05 -20.90
C MET B 227 6.95 -7.29 -22.12
N ALA B 228 6.39 -8.01 -23.08
CA ALA B 228 5.90 -7.40 -24.31
C ALA B 228 4.87 -6.33 -23.99
N THR B 229 4.93 -5.22 -24.73
CA THR B 229 4.05 -4.10 -24.48
C THR B 229 3.07 -3.92 -25.63
N GLU B 230 3.40 -4.56 -26.75
CA GLU B 230 2.55 -4.57 -27.93
C GLU B 230 2.30 -6.03 -28.30
N PRO B 231 1.08 -6.34 -28.77
CA PRO B 231 0.63 -7.72 -29.04
C PRO B 231 1.65 -8.63 -29.74
N ILE B 232 1.86 -9.81 -29.17
CA ILE B 232 2.74 -10.81 -29.76
C ILE B 232 1.97 -12.08 -30.16
N LEU B 233 0.84 -12.30 -29.48
CA LEU B 233 0.01 -13.47 -29.74
C LEU B 233 -1.26 -13.08 -30.49
N PHE B 234 -1.50 -13.75 -31.62
CA PHE B 234 -2.62 -13.39 -32.49
C PHE B 234 -3.64 -14.51 -32.63
N GLY B 235 -4.92 -14.16 -32.54
CA GLY B 235 -6.01 -15.13 -32.58
C GLY B 235 -6.04 -16.00 -33.82
N GLU B 236 -5.48 -15.50 -34.92
CA GLU B 236 -5.48 -16.23 -36.18
C GLU B 236 -4.66 -17.52 -36.09
N TRP B 237 -3.71 -17.53 -35.17
CA TRP B 237 -2.80 -18.66 -35.00
C TRP B 237 -3.32 -19.67 -33.98
N VAL B 238 -4.29 -19.25 -33.17
CA VAL B 238 -4.70 -20.03 -32.01
C VAL B 238 -5.73 -21.12 -32.32
N LYS B 239 -5.39 -22.35 -31.96
CA LYS B 239 -6.26 -23.51 -32.14
C LYS B 239 -7.59 -23.29 -31.42
N PRO B 240 -8.70 -23.44 -32.15
CA PRO B 240 -10.03 -23.38 -31.54
C PRO B 240 -10.16 -24.29 -30.33
N GLY B 241 -10.47 -23.70 -29.18
CA GLY B 241 -10.61 -24.45 -27.94
C GLY B 241 -9.43 -24.33 -27.01
N ALA B 242 -8.35 -23.74 -27.50
CA ALA B 242 -7.14 -23.57 -26.72
C ALA B 242 -7.36 -22.70 -25.49
N HIS B 243 -6.60 -22.97 -24.44
CA HIS B 243 -6.63 -22.13 -23.24
C HIS B 243 -5.37 -21.29 -23.14
N ILE B 244 -5.55 -20.00 -22.88
CA ILE B 244 -4.42 -19.08 -22.80
C ILE B 244 -4.32 -18.46 -21.42
N ASN B 245 -3.17 -18.61 -20.78
CA ASN B 245 -2.89 -17.92 -19.54
C ASN B 245 -2.05 -16.67 -19.81
N ALA B 246 -2.73 -15.54 -19.96
CA ALA B 246 -2.07 -14.27 -20.20
C ALA B 246 -1.65 -13.63 -18.88
N VAL B 247 -0.37 -13.76 -18.56
CA VAL B 247 0.16 -13.35 -17.26
C VAL B 247 0.99 -12.05 -17.35
N GLY B 248 1.54 -11.79 -18.54
CA GLY B 248 2.50 -10.72 -18.71
C GLY B 248 2.04 -9.30 -18.48
N ALA B 249 1.44 -8.70 -19.51
CA ALA B 249 1.08 -7.29 -19.50
C ALA B 249 0.14 -6.84 -18.37
N SER B 250 0.71 -6.17 -17.37
CA SER B 250 -0.04 -5.70 -16.22
C SER B 250 -0.02 -4.17 -16.01
N ARG B 251 0.24 -3.44 -17.09
CA ARG B 251 0.11 -1.98 -17.09
C ARG B 251 -0.94 -1.60 -18.14
N PRO B 252 -1.80 -0.61 -17.82
CA PRO B 252 -2.95 -0.28 -18.68
C PRO B 252 -2.64 0.08 -20.14
N ASP B 253 -1.39 0.38 -20.49
CA ASP B 253 -1.07 0.63 -21.89
C ASP B 253 -0.21 -0.47 -22.53
N TRP B 254 0.13 -1.50 -21.75
CA TRP B 254 0.85 -2.67 -22.25
C TRP B 254 -0.13 -3.78 -22.61
N ARG B 255 0.17 -4.57 -23.65
CA ARG B 255 -0.68 -5.72 -23.97
C ARG B 255 0.06 -6.84 -24.71
N GLU B 256 -0.40 -8.07 -24.49
CA GLU B 256 0.23 -9.26 -25.04
C GLU B 256 -0.59 -9.90 -26.17
N LEU B 257 -1.89 -9.65 -26.15
CA LEU B 257 -2.82 -10.32 -27.06
C LEU B 257 -3.52 -9.31 -27.96
N ASP B 258 -3.90 -9.73 -29.16
CA ASP B 258 -4.52 -8.82 -30.13
C ASP B 258 -6.03 -8.67 -29.92
N ASP B 259 -6.65 -7.81 -30.72
CA ASP B 259 -8.08 -7.53 -30.61
C ASP B 259 -8.94 -8.76 -30.86
N GLU B 260 -8.57 -9.52 -31.89
CA GLU B 260 -9.34 -10.67 -32.34
C GLU B 260 -9.47 -11.69 -31.21
N LEU B 261 -8.34 -12.14 -30.68
CA LEU B 261 -8.31 -13.16 -29.62
C LEU B 261 -9.08 -12.73 -28.37
N MET B 262 -8.89 -11.47 -27.99
CA MET B 262 -9.55 -10.93 -26.80
C MET B 262 -11.07 -10.94 -26.93
N ARG B 263 -11.56 -10.73 -28.14
CA ARG B 263 -12.99 -10.55 -28.38
C ARG B 263 -13.72 -11.84 -28.76
N GLN B 264 -13.00 -12.81 -29.31
CA GLN B 264 -13.64 -14.05 -29.76
C GLN B 264 -13.51 -15.19 -28.75
N ALA B 265 -12.64 -15.02 -27.77
CA ALA B 265 -12.48 -16.03 -26.72
C ALA B 265 -13.38 -15.72 -25.53
N VAL B 266 -13.61 -16.71 -24.69
CA VAL B 266 -14.31 -16.51 -23.42
C VAL B 266 -13.28 -16.01 -22.42
N LEU B 267 -13.50 -14.81 -21.89
CA LEU B 267 -12.48 -14.13 -21.09
C LEU B 267 -12.66 -14.26 -19.57
N TYR B 268 -11.71 -14.90 -18.92
CA TYR B 268 -11.71 -15.02 -17.47
C TYR B 268 -10.61 -14.17 -16.86
N VAL B 269 -10.88 -13.55 -15.73
CA VAL B 269 -9.87 -12.75 -15.02
C VAL B 269 -9.83 -13.13 -13.54
N ASP B 270 -8.83 -12.64 -12.84
CA ASP B 270 -8.79 -12.80 -11.39
C ASP B 270 -9.67 -11.76 -10.71
N SER B 271 -9.64 -10.53 -11.24
CA SER B 271 -10.45 -9.44 -10.69
C SER B 271 -10.90 -8.48 -11.78
N ARG B 272 -12.21 -8.24 -11.85
CA ARG B 272 -12.77 -7.27 -12.79
C ARG B 272 -12.22 -5.88 -12.51
N GLU B 273 -12.14 -5.52 -11.24
CA GLU B 273 -11.76 -4.16 -10.87
C GLU B 273 -10.30 -3.87 -11.22
N ALA B 274 -9.44 -4.86 -11.02
CA ALA B 274 -8.04 -4.72 -11.42
C ALA B 274 -7.91 -4.71 -12.94
N ALA B 275 -8.66 -5.60 -13.59
CA ALA B 275 -8.64 -5.72 -15.05
C ALA B 275 -8.95 -4.39 -15.73
N LEU B 276 -10.09 -3.79 -15.37
CA LEU B 276 -10.53 -2.54 -15.98
C LEU B 276 -9.61 -1.36 -15.63
N LYS B 277 -8.72 -1.57 -14.67
CA LYS B 277 -7.77 -0.55 -14.27
C LYS B 277 -6.39 -0.78 -14.88
N GLU B 278 -5.89 -2.01 -14.79
CA GLU B 278 -4.50 -2.28 -15.12
C GLU B 278 -4.26 -3.13 -16.39
N SER B 279 -5.29 -3.75 -16.93
CA SER B 279 -5.09 -4.61 -18.10
C SER B 279 -5.26 -3.88 -19.43
N GLY B 280 -4.14 -3.66 -20.13
CA GLY B 280 -4.18 -3.03 -21.43
C GLY B 280 -4.84 -3.95 -22.44
N ASP B 281 -4.65 -5.24 -22.25
CA ASP B 281 -5.27 -6.27 -23.10
C ASP B 281 -6.79 -6.15 -23.11
N VAL B 282 -7.37 -5.99 -21.92
CA VAL B 282 -8.82 -5.91 -21.78
C VAL B 282 -9.36 -4.53 -22.17
N LEU B 283 -8.72 -3.49 -21.65
CA LEU B 283 -9.14 -2.11 -21.91
C LEU B 283 -9.09 -1.74 -23.39
N LEU B 284 -7.97 -2.07 -24.03
CA LEU B 284 -7.72 -1.64 -25.40
C LEU B 284 -8.40 -2.52 -26.46
N SER B 285 -9.13 -3.54 -26.02
CA SER B 285 -9.85 -4.39 -26.95
C SER B 285 -11.35 -4.27 -26.78
N GLY B 286 -11.78 -3.68 -25.65
CA GLY B 286 -13.18 -3.54 -25.34
C GLY B 286 -13.85 -4.88 -25.13
N ALA B 287 -13.05 -5.87 -24.75
CA ALA B 287 -13.53 -7.24 -24.61
C ALA B 287 -14.40 -7.44 -23.38
N ASP B 288 -15.47 -8.21 -23.54
CA ASP B 288 -16.38 -8.51 -22.45
C ASP B 288 -15.79 -9.54 -21.51
N ILE B 289 -15.80 -9.24 -20.22
CA ILE B 289 -15.37 -10.21 -19.22
C ILE B 289 -16.52 -11.15 -18.89
N PHE B 290 -16.34 -12.43 -19.19
CA PHE B 290 -17.38 -13.41 -18.94
C PHE B 290 -17.51 -13.69 -17.44
N ALA B 291 -16.38 -13.85 -16.78
CA ALA B 291 -16.38 -14.24 -15.36
C ALA B 291 -15.04 -14.03 -14.68
N GLU B 292 -15.08 -13.97 -13.35
CA GLU B 292 -13.87 -14.03 -12.54
C GLU B 292 -13.58 -15.49 -12.24
N LEU B 293 -12.31 -15.82 -12.02
CA LEU B 293 -11.93 -17.21 -11.79
C LEU B 293 -12.60 -17.80 -10.54
N GLY B 294 -12.75 -16.97 -9.52
CA GLY B 294 -13.41 -17.39 -8.29
C GLY B 294 -14.85 -17.80 -8.53
N GLU B 295 -15.49 -17.13 -9.50
CA GLU B 295 -16.87 -17.43 -9.85
C GLU B 295 -17.02 -18.83 -10.45
N VAL B 296 -15.96 -19.30 -11.11
CA VAL B 296 -15.98 -20.63 -11.72
C VAL B 296 -15.70 -21.70 -10.66
N ILE B 297 -14.75 -21.41 -9.78
CA ILE B 297 -14.42 -22.30 -8.68
C ILE B 297 -15.62 -22.50 -7.76
N SER B 298 -16.40 -21.43 -7.58
CA SER B 298 -17.53 -21.46 -6.65
C SER B 298 -18.75 -22.15 -7.25
N GLY B 299 -18.88 -22.08 -8.57
CA GLY B 299 -20.00 -22.70 -9.26
C GLY B 299 -20.97 -21.69 -9.85
N ALA B 300 -20.69 -20.41 -9.62
CA ALA B 300 -21.56 -19.35 -10.10
C ALA B 300 -21.51 -19.19 -11.62
N LYS B 301 -20.38 -19.55 -12.21
CA LYS B 301 -20.18 -19.43 -13.66
C LYS B 301 -19.55 -20.72 -14.20
N PRO B 302 -19.89 -21.09 -15.45
CA PRO B 302 -19.38 -22.34 -16.02
C PRO B 302 -17.96 -22.22 -16.60
N ALA B 303 -17.26 -23.35 -16.68
CA ALA B 303 -15.94 -23.38 -17.31
C ALA B 303 -16.05 -23.91 -18.73
N HIS B 304 -16.08 -23.01 -19.70
CA HIS B 304 -16.26 -23.41 -21.08
C HIS B 304 -14.98 -24.01 -21.67
N CYS B 305 -14.69 -25.25 -21.29
CA CYS B 305 -13.44 -25.90 -21.67
C CYS B 305 -13.37 -26.25 -23.15
N GLU B 306 -14.53 -26.25 -23.81
CA GLU B 306 -14.59 -26.58 -25.23
C GLU B 306 -14.44 -25.34 -26.12
N LYS B 307 -14.74 -24.17 -25.55
CA LYS B 307 -14.53 -22.91 -26.25
C LYS B 307 -13.08 -22.49 -26.14
N THR B 308 -12.63 -21.60 -27.02
CA THR B 308 -11.33 -20.97 -26.87
C THR B 308 -11.42 -20.01 -25.69
N THR B 309 -10.49 -20.12 -24.74
CA THR B 309 -10.58 -19.33 -23.52
C THR B 309 -9.31 -18.56 -23.21
N VAL B 310 -9.47 -17.44 -22.53
CA VAL B 310 -8.34 -16.64 -22.08
C VAL B 310 -8.50 -16.32 -20.59
N PHE B 311 -7.50 -16.72 -19.80
CA PHE B 311 -7.45 -16.31 -18.40
C PHE B 311 -6.40 -15.20 -18.21
N LYS B 312 -6.86 -13.98 -18.01
CA LYS B 312 -5.97 -12.85 -17.78
C LYS B 312 -5.65 -12.69 -16.29
N SER B 313 -4.41 -12.97 -15.92
CA SER B 313 -3.97 -12.84 -14.54
C SER B 313 -3.26 -11.51 -14.30
N LEU B 314 -3.75 -10.73 -13.34
CA LEU B 314 -3.10 -9.48 -12.98
C LEU B 314 -2.32 -9.61 -11.69
N GLY B 315 -2.59 -10.68 -10.95
CA GLY B 315 -1.99 -10.86 -9.64
C GLY B 315 -2.82 -10.16 -8.60
N MET B 316 -3.06 -10.83 -7.47
CA MET B 316 -3.89 -10.25 -6.43
C MET B 316 -3.25 -10.37 -5.05
N ALA B 317 -3.54 -9.39 -4.20
CA ALA B 317 -2.97 -9.34 -2.86
C ALA B 317 -3.35 -10.55 -2.02
N VAL B 318 -4.55 -11.08 -2.22
CA VAL B 318 -5.03 -12.21 -1.42
C VAL B 318 -4.27 -13.51 -1.74
N GLU B 319 -3.76 -13.61 -2.96
CA GLU B 319 -2.96 -14.76 -3.35
C GLU B 319 -1.61 -14.73 -2.62
N ASP B 320 -1.04 -13.54 -2.50
CA ASP B 320 0.20 -13.35 -1.76
C ASP B 320 -0.05 -13.66 -0.28
N LEU B 321 -1.23 -13.25 0.19
CA LEU B 321 -1.64 -13.48 1.58
C LEU B 321 -1.69 -14.97 1.92
N VAL B 322 -2.33 -15.75 1.06
CA VAL B 322 -2.47 -17.19 1.26
C VAL B 322 -1.10 -17.85 1.44
N ALA B 323 -0.20 -17.58 0.51
CA ALA B 323 1.14 -18.14 0.54
C ALA B 323 1.89 -17.72 1.79
N ALA B 324 1.78 -16.44 2.14
CA ALA B 324 2.44 -15.91 3.33
C ALA B 324 2.00 -16.62 4.61
N LYS B 325 0.71 -16.85 4.74
CA LYS B 325 0.16 -17.54 5.90
C LYS B 325 0.62 -18.98 5.95
N LEU B 326 0.64 -19.64 4.79
CA LEU B 326 1.12 -21.01 4.68
C LEU B 326 2.57 -21.12 5.15
N VAL B 327 3.40 -20.19 4.65
CA VAL B 327 4.81 -20.12 5.04
C VAL B 327 4.94 -19.84 6.53
N TYR B 328 4.17 -18.86 7.02
CA TYR B 328 4.28 -18.47 8.43
C TYR B 328 3.78 -19.54 9.39
N ASP B 329 2.71 -20.24 9.02
CA ASP B 329 2.19 -21.33 9.85
C ASP B 329 3.23 -22.44 9.98
N SER B 330 3.82 -22.83 8.85
CA SER B 330 4.85 -23.85 8.84
C SER B 330 6.09 -23.38 9.61
N TRP B 331 6.45 -22.12 9.42
CA TRP B 331 7.63 -21.54 10.07
C TRP B 331 7.49 -21.53 11.59
N SER B 332 6.31 -21.17 12.08
CA SER B 332 6.07 -21.04 13.51
C SER B 332 5.78 -22.38 14.18
N SER B 333 5.91 -23.47 13.42
CA SER B 333 5.68 -24.80 13.97
C SER B 333 6.99 -25.47 14.38
#